data_1RDN
#
_entry.id   1RDN
#
_cell.length_a   60.600
_cell.length_b   75.200
_cell.length_c   57.400
_cell.angle_alpha   90.00
_cell.angle_beta   90.00
_cell.angle_gamma   90.00
#
_symmetry.space_group_name_H-M   'P 21 21 21'
#
loop_
_entity.id
_entity.type
_entity.pdbx_description
1 polymer 'MANNOSE-BINDING PROTEIN-C'
2 non-polymer 2-acetamido-2-deoxy-alpha-D-glucopyranose
3 non-polymer 'CALCIUM ION'
4 non-polymer 'CHLORIDE ION'
5 water water
#
_entity_poly.entity_id   1
_entity_poly.type   'polypeptide(L)'
_entity_poly.pdbx_seq_one_letter_code
;KKYFMSSVRRMPLNRAKALCSELQGTVATPRNAEENRAIQNVAKDVAFLGITDQRTENVFEDLTGNRVRYTNWNEGEPNN
VGSGENCVVLLTNGKWNDVPCSDSFLVVCEFSD
;
_entity_poly.pdbx_strand_id   1,2
#
loop_
_chem_comp.id
_chem_comp.type
_chem_comp.name
_chem_comp.formula
CA non-polymer 'CALCIUM ION' 'Ca 2'
CL non-polymer 'CHLORIDE ION' 'Cl -1'
NDG D-saccharide, alpha linking 2-acetamido-2-deoxy-alpha-D-glucopyranose 'C8 H15 N O6'
#
# COMPACT_ATOMS: atom_id res chain seq x y z
N LYS A 2 -12.84 -1.84 6.71
CA LYS A 2 -11.36 -2.03 6.62
C LYS A 2 -11.03 -2.91 5.42
N TYR A 3 -9.95 -2.55 4.78
CA TYR A 3 -9.38 -3.30 3.65
C TYR A 3 -8.02 -3.78 4.10
N PHE A 4 -7.71 -5.02 3.80
CA PHE A 4 -6.42 -5.60 4.21
C PHE A 4 -5.59 -6.00 2.99
N MET A 5 -4.31 -5.65 3.00
CA MET A 5 -3.40 -5.99 1.91
C MET A 5 -2.11 -6.53 2.51
N SER A 6 -1.56 -7.57 1.90
CA SER A 6 -0.32 -8.17 2.39
C SER A 6 0.86 -7.83 1.51
N SER A 7 2.04 -7.72 2.12
CA SER A 7 3.26 -7.45 1.37
C SER A 7 3.70 -8.80 0.80
N VAL A 8 4.62 -8.77 -0.15
CA VAL A 8 5.14 -10.01 -0.73
C VAL A 8 6.50 -10.31 -0.12
N ARG A 9 7.16 -9.28 0.38
CA ARG A 9 8.48 -9.45 0.98
C ARG A 9 8.43 -9.28 2.49
N ARG A 10 9.40 -9.86 3.17
CA ARG A 10 9.51 -9.77 4.62
C ARG A 10 10.37 -8.57 5.00
N MET A 11 10.13 -8.03 6.19
CA MET A 11 10.87 -6.87 6.69
C MET A 11 10.58 -6.70 8.18
N PRO A 12 11.45 -5.98 8.91
CA PRO A 12 11.27 -5.75 10.35
C PRO A 12 10.09 -4.79 10.57
N LEU A 13 9.61 -4.67 11.80
CA LEU A 13 8.46 -3.82 12.09
C LEU A 13 8.61 -2.35 11.68
N ASN A 14 9.77 -1.75 11.90
CA ASN A 14 9.95 -0.33 11.53
C ASN A 14 9.68 -0.09 10.05
N ARG A 15 10.16 -1.01 9.22
CA ARG A 15 9.97 -0.91 7.79
C ARG A 15 8.53 -1.29 7.42
N ALA A 16 7.94 -2.21 8.18
CA ALA A 16 6.54 -2.63 7.96
C ALA A 16 5.64 -1.41 8.18
N LYS A 17 5.89 -0.69 9.28
CA LYS A 17 5.13 0.50 9.62
C LYS A 17 5.28 1.57 8.52
N ALA A 18 6.50 1.75 8.03
CA ALA A 18 6.75 2.73 6.97
C ALA A 18 5.97 2.39 5.71
N LEU A 19 5.97 1.11 5.36
CA LEU A 19 5.24 0.66 4.17
C LEU A 19 3.75 1.01 4.26
N CYS A 20 3.07 0.58 5.34
CA CYS A 20 1.64 0.85 5.47
C CYS A 20 1.36 2.36 5.55
N SER A 21 2.19 3.07 6.30
CA SER A 21 2.07 4.51 6.47
C SER A 21 2.28 5.25 5.15
N GLU A 22 3.11 4.70 4.27
CA GLU A 22 3.36 5.34 2.99
C GLU A 22 2.07 5.52 2.18
N LEU A 23 1.19 4.53 2.26
CA LEU A 23 -0.11 4.59 1.56
C LEU A 23 -1.24 5.02 2.48
N GLN A 24 -0.86 5.67 3.57
CA GLN A 24 -1.79 6.20 4.56
C GLN A 24 -2.66 5.18 5.29
N GLY A 25 -2.09 4.01 5.56
CA GLY A 25 -2.77 2.97 6.29
C GLY A 25 -1.91 2.69 7.50
N THR A 26 -2.18 1.57 8.19
CA THR A 26 -1.40 1.19 9.35
C THR A 26 -1.25 -0.34 9.32
N VAL A 27 -0.35 -0.88 10.12
CA VAL A 27 -0.15 -2.32 10.18
C VAL A 27 -1.46 -2.86 10.79
N ALA A 28 -2.03 -3.87 10.14
CA ALA A 28 -3.30 -4.47 10.54
C ALA A 28 -3.43 -4.94 12.00
N THR A 29 -4.53 -4.53 12.63
CA THR A 29 -4.83 -4.88 14.00
C THR A 29 -6.23 -5.52 14.03
N PRO A 30 -6.32 -6.85 14.17
CA PRO A 30 -7.65 -7.49 14.21
C PRO A 30 -8.37 -7.12 15.51
N ARG A 31 -9.60 -6.66 15.38
CA ARG A 31 -10.39 -6.25 16.54
C ARG A 31 -11.37 -7.33 16.97
N ASN A 32 -11.47 -8.40 16.18
CA ASN A 32 -12.37 -9.52 16.48
C ASN A 32 -11.95 -10.72 15.62
N ALA A 33 -12.59 -11.86 15.87
CA ALA A 33 -12.29 -13.09 15.14
C ALA A 33 -12.46 -13.00 13.64
N GLU A 34 -13.40 -12.17 13.20
CA GLU A 34 -13.68 -12.01 11.79
C GLU A 34 -12.54 -11.29 11.08
N GLU A 35 -12.05 -10.22 11.68
CA GLU A 35 -10.94 -9.49 11.10
C GLU A 35 -9.68 -10.34 11.16
N ASN A 36 -9.55 -11.15 12.20
CA ASN A 36 -8.38 -12.01 12.35
C ASN A 36 -8.28 -12.99 11.18
N ARG A 37 -9.42 -13.60 10.82
CA ARG A 37 -9.46 -14.54 9.71
C ARG A 37 -9.17 -13.85 8.37
N ALA A 38 -9.74 -12.67 8.18
CA ALA A 38 -9.55 -11.89 6.96
C ALA A 38 -8.06 -11.58 6.74
N ILE A 39 -7.38 -11.21 7.82
CA ILE A 39 -5.95 -10.90 7.77
C ILE A 39 -5.15 -12.18 7.50
N GLN A 40 -5.52 -13.27 8.16
CA GLN A 40 -4.84 -14.56 8.00
C GLN A 40 -4.86 -14.98 6.53
N ASN A 41 -6.02 -14.82 5.92
CA ASN A 41 -6.21 -15.19 4.52
C ASN A 41 -5.43 -14.36 3.51
N VAL A 42 -5.24 -13.08 3.80
CA VAL A 42 -4.51 -12.23 2.88
C VAL A 42 -3.01 -12.52 3.03
N ALA A 43 -2.59 -12.90 4.23
CA ALA A 43 -1.19 -13.23 4.47
C ALA A 43 -0.90 -14.68 4.07
N LYS A 44 0.12 -14.89 3.25
CA LYS A 44 0.47 -16.24 2.80
C LYS A 44 1.52 -16.90 3.72
N ASP A 45 1.92 -16.20 4.76
CA ASP A 45 2.93 -16.70 5.70
C ASP A 45 2.78 -15.83 6.96
N VAL A 46 3.58 -16.15 7.98
CA VAL A 46 3.59 -15.40 9.24
C VAL A 46 3.77 -13.90 8.96
N ALA A 47 2.89 -13.08 9.52
CA ALA A 47 2.95 -11.64 9.27
C ALA A 47 2.74 -10.80 10.52
N PHE A 48 3.36 -9.61 10.52
CA PHE A 48 3.26 -8.68 11.62
C PHE A 48 1.83 -8.11 11.75
N LEU A 49 1.46 -7.80 12.99
CA LEU A 49 0.19 -7.15 13.29
C LEU A 49 0.61 -5.82 13.93
N GLY A 50 -0.28 -4.83 13.92
CA GLY A 50 0.04 -3.53 14.50
C GLY A 50 -0.24 -3.50 16.00
N ILE A 51 0.45 -4.38 16.72
CA ILE A 51 0.28 -4.50 18.17
C ILE A 51 1.67 -4.68 18.79
N THR A 52 1.92 -4.00 19.92
CA THR A 52 3.21 -4.13 20.60
C THR A 52 3.05 -3.88 22.09
N ASP A 53 4.02 -4.33 22.88
CA ASP A 53 4.04 -4.03 24.32
C ASP A 53 5.36 -3.30 24.59
N GLN A 54 5.78 -2.50 23.61
CA GLN A 54 7.02 -1.74 23.74
C GLN A 54 6.98 -0.69 24.85
N ARG A 55 5.87 0.05 24.96
CA ARG A 55 5.75 1.07 26.01
C ARG A 55 5.74 0.48 27.42
N THR A 56 4.92 -0.55 27.61
CA THR A 56 4.81 -1.22 28.89
C THR A 56 4.75 -2.74 28.67
N GLU A 57 5.71 -3.45 29.27
CA GLU A 57 5.79 -4.89 29.13
C GLU A 57 4.50 -5.59 29.54
N ASN A 58 4.05 -6.49 28.66
CA ASN A 58 2.82 -7.29 28.80
C ASN A 58 1.53 -6.46 28.70
N VAL A 59 1.65 -5.22 28.26
CA VAL A 59 0.49 -4.37 28.03
C VAL A 59 0.46 -4.13 26.54
N PHE A 60 -0.33 -4.94 25.84
CA PHE A 60 -0.41 -4.85 24.38
C PHE A 60 -1.38 -3.82 23.85
N GLU A 61 -0.85 -2.94 23.01
CA GLU A 61 -1.64 -1.86 22.41
C GLU A 61 -1.38 -1.71 20.92
N ASP A 62 -2.30 -1.05 20.22
CA ASP A 62 -2.12 -0.84 18.79
C ASP A 62 -1.10 0.27 18.57
N LEU A 63 -0.75 0.55 17.32
CA LEU A 63 0.28 1.55 17.05
C LEU A 63 -0.09 2.99 17.41
N THR A 64 -1.34 3.21 17.85
CA THR A 64 -1.77 4.55 18.26
C THR A 64 -2.01 4.62 19.78
N GLY A 65 -1.45 3.65 20.50
CA GLY A 65 -1.57 3.64 21.96
C GLY A 65 -2.84 3.06 22.57
N ASN A 66 -3.75 2.58 21.74
CA ASN A 66 -5.00 2.00 22.25
C ASN A 66 -4.84 0.56 22.66
N ARG A 67 -5.09 0.27 23.94
CA ARG A 67 -4.98 -1.08 24.43
C ARG A 67 -5.91 -2.02 23.65
N VAL A 68 -5.39 -3.19 23.29
CA VAL A 68 -6.20 -4.15 22.53
C VAL A 68 -7.11 -4.96 23.44
N ARG A 69 -8.34 -5.21 22.99
CA ARG A 69 -9.29 -5.99 23.77
C ARG A 69 -9.29 -7.42 23.24
N TYR A 70 -9.62 -7.60 21.98
CA TYR A 70 -9.59 -8.94 21.38
C TYR A 70 -8.14 -9.40 21.22
N THR A 71 -7.87 -10.63 21.61
CA THR A 71 -6.54 -11.25 21.45
C THR A 71 -6.75 -12.68 21.00
N ASN A 72 -5.75 -13.27 20.36
CA ASN A 72 -5.86 -14.65 19.89
C ASN A 72 -4.49 -15.32 20.00
N TRP A 73 -3.92 -15.25 21.20
CA TRP A 73 -2.60 -15.80 21.46
C TRP A 73 -2.47 -17.30 21.31
N ASN A 74 -1.39 -17.74 20.69
CA ASN A 74 -1.10 -19.16 20.53
C ASN A 74 -0.85 -19.62 21.97
N GLU A 75 -1.14 -20.88 22.26
CA GLU A 75 -0.95 -21.41 23.60
C GLU A 75 0.51 -21.23 24.03
N GLY A 76 0.68 -20.60 25.19
CA GLY A 76 2.02 -20.39 25.71
C GLY A 76 2.52 -18.98 25.44
N GLU A 77 1.74 -18.23 24.68
CA GLU A 77 2.09 -16.86 24.33
C GLU A 77 1.13 -15.89 25.02
N PRO A 78 1.57 -14.64 25.27
CA PRO A 78 2.90 -14.11 24.93
C PRO A 78 3.91 -14.49 26.00
N ASN A 79 5.12 -14.87 25.60
CA ASN A 79 6.14 -15.30 26.55
C ASN A 79 7.41 -14.45 26.70
N ASN A 80 7.55 -13.41 25.88
CA ASN A 80 8.70 -12.49 25.93
C ASN A 80 10.06 -13.20 26.07
N VAL A 81 10.25 -14.30 25.33
CA VAL A 81 11.51 -15.04 25.42
C VAL A 81 12.72 -14.41 24.74
N GLY A 82 13.87 -15.06 24.89
CA GLY A 82 15.09 -14.54 24.31
C GLY A 82 15.45 -13.31 25.13
N SER A 83 15.82 -12.23 24.46
CA SER A 83 16.15 -11.00 25.18
C SER A 83 14.93 -10.08 25.21
N GLY A 84 13.77 -10.64 24.85
CA GLY A 84 12.54 -9.87 24.82
C GLY A 84 11.85 -9.96 23.46
N GLU A 85 10.53 -9.93 23.48
CA GLU A 85 9.73 -9.98 22.25
C GLU A 85 8.59 -8.98 22.48
N ASN A 86 8.66 -7.85 21.79
CA ASN A 86 7.67 -6.80 21.97
C ASN A 86 6.75 -6.53 20.79
N CYS A 87 6.89 -7.31 19.74
CA CYS A 87 6.06 -7.17 18.57
C CYS A 87 5.20 -8.42 18.45
N VAL A 88 4.25 -8.41 17.53
CA VAL A 88 3.34 -9.54 17.38
C VAL A 88 3.15 -9.98 15.92
N VAL A 89 3.10 -11.28 15.73
CA VAL A 89 2.85 -11.87 14.41
C VAL A 89 1.66 -12.82 14.46
N LEU A 90 0.96 -12.89 13.34
CA LEU A 90 -0.16 -13.79 13.19
C LEU A 90 0.44 -15.02 12.49
N LEU A 91 0.36 -16.16 13.16
CA LEU A 91 0.85 -17.43 12.65
C LEU A 91 -0.04 -17.94 11.50
N THR A 92 0.43 -18.95 10.76
CA THR A 92 -0.34 -19.48 9.64
C THR A 92 -1.66 -20.19 10.02
N ASN A 93 -1.86 -20.41 11.31
CA ASN A 93 -3.10 -21.01 11.81
C ASN A 93 -4.00 -19.93 12.44
N GLY A 94 -3.58 -18.67 12.32
CA GLY A 94 -4.37 -17.56 12.86
C GLY A 94 -4.10 -17.15 14.29
N LYS A 95 -3.32 -17.95 15.02
CA LYS A 95 -3.00 -17.61 16.41
C LYS A 95 -1.87 -16.58 16.41
N TRP A 96 -1.65 -15.92 17.55
CA TRP A 96 -0.60 -14.91 17.64
C TRP A 96 0.61 -15.35 18.45
N ASN A 97 1.77 -14.79 18.09
CA ASN A 97 3.00 -15.04 18.83
C ASN A 97 3.75 -13.72 18.96
N ASP A 98 4.28 -13.44 20.15
CA ASP A 98 5.08 -12.23 20.33
C ASP A 98 6.49 -12.57 19.84
N VAL A 99 7.10 -11.65 19.12
CA VAL A 99 8.42 -11.87 18.55
C VAL A 99 9.24 -10.59 18.64
N PRO A 100 10.57 -10.70 18.42
CA PRO A 100 11.43 -9.51 18.47
C PRO A 100 11.03 -8.57 17.32
N CYS A 101 10.89 -7.28 17.63
CA CYS A 101 10.53 -6.29 16.62
C CYS A 101 11.55 -6.17 15.51
N SER A 102 12.79 -6.56 15.81
CA SER A 102 13.88 -6.49 14.85
C SER A 102 13.89 -7.64 13.84
N ASP A 103 13.09 -8.69 14.10
CA ASP A 103 13.00 -9.82 13.18
C ASP A 103 12.16 -9.46 11.94
N SER A 104 12.34 -10.20 10.85
CA SER A 104 11.62 -9.92 9.60
C SER A 104 10.49 -10.88 9.24
N PHE A 105 9.33 -10.31 8.94
CA PHE A 105 8.14 -11.10 8.60
C PHE A 105 7.36 -10.34 7.52
N LEU A 106 6.33 -10.97 6.97
CA LEU A 106 5.49 -10.29 5.99
C LEU A 106 4.72 -9.23 6.79
N VAL A 107 4.05 -8.33 6.08
CA VAL A 107 3.25 -7.31 6.76
C VAL A 107 1.89 -7.22 6.08
N VAL A 108 0.86 -7.13 6.89
CA VAL A 108 -0.49 -6.94 6.37
C VAL A 108 -0.85 -5.54 6.82
N CYS A 109 -1.17 -4.69 5.84
CA CYS A 109 -1.58 -3.31 6.08
C CYS A 109 -3.10 -3.25 6.09
N GLU A 110 -3.62 -2.28 6.82
CA GLU A 110 -5.04 -2.09 6.98
C GLU A 110 -5.40 -0.66 6.56
N PHE A 111 -6.48 -0.53 5.78
CA PHE A 111 -6.93 0.75 5.29
C PHE A 111 -8.43 0.88 5.52
N SER A 112 -8.89 2.12 5.65
CA SER A 112 -10.32 2.37 5.88
C SER A 112 -11.01 2.88 4.61
N LYS B 1 -14.78 -4.25 -5.99
CA LYS B 1 -14.62 -2.86 -6.50
C LYS B 1 -13.14 -2.52 -6.38
N LYS B 2 -12.73 -1.47 -7.04
CA LYS B 2 -11.34 -1.02 -6.94
C LYS B 2 -11.26 -0.02 -5.79
N TYR B 3 -10.16 -0.12 -5.07
CA TYR B 3 -9.87 0.82 -3.98
C TYR B 3 -8.61 1.57 -4.37
N PHE B 4 -8.60 2.85 -4.08
CA PHE B 4 -7.46 3.70 -4.41
C PHE B 4 -6.88 4.32 -3.14
N MET B 5 -5.57 4.32 -3.07
CA MET B 5 -4.82 4.89 -1.94
C MET B 5 -3.67 5.74 -2.49
N SER B 6 -3.44 6.90 -1.90
CA SER B 6 -2.38 7.80 -2.34
C SER B 6 -1.15 7.67 -1.46
N SER B 7 0.00 7.87 -2.06
CA SER B 7 1.25 7.84 -1.34
C SER B 7 1.42 9.20 -0.66
N VAL B 8 2.37 9.26 0.25
CA VAL B 8 2.69 10.48 0.98
C VAL B 8 3.87 11.16 0.28
N ARG B 9 4.85 10.36 -0.14
CA ARG B 9 6.03 10.92 -0.79
C ARG B 9 5.98 10.85 -2.30
N ARG B 10 6.85 11.63 -2.94
CA ARG B 10 6.94 11.69 -4.39
C ARG B 10 8.09 10.80 -4.83
N MET B 11 7.94 10.17 -5.99
CA MET B 11 8.95 9.25 -6.53
C MET B 11 8.72 9.05 -8.02
N PRO B 12 9.75 8.60 -8.76
CA PRO B 12 9.62 8.38 -10.21
C PRO B 12 8.77 7.15 -10.45
N LEU B 13 8.32 6.96 -11.69
CA LEU B 13 7.45 5.84 -12.02
C LEU B 13 7.89 4.45 -11.58
N ASN B 14 9.17 4.10 -11.77
CA ASN B 14 9.61 2.77 -11.38
C ASN B 14 9.45 2.49 -9.89
N ARG B 15 9.73 3.49 -9.07
CA ARG B 15 9.57 3.36 -7.62
C ARG B 15 8.08 3.28 -7.30
N ALA B 16 7.28 4.02 -8.06
CA ALA B 16 5.82 4.06 -7.87
C ALA B 16 5.26 2.67 -8.12
N LYS B 17 5.76 2.03 -9.18
CA LYS B 17 5.36 0.69 -9.54
C LYS B 17 5.72 -0.28 -8.41
N ALA B 18 6.95 -0.17 -7.91
CA ALA B 18 7.44 -1.03 -6.82
C ALA B 18 6.62 -0.87 -5.54
N LEU B 19 6.25 0.36 -5.23
CA LEU B 19 5.45 0.62 -4.04
C LEU B 19 4.10 -0.12 -4.15
N CYS B 20 3.37 0.14 -5.23
CA CYS B 20 2.07 -0.48 -5.42
C CYS B 20 2.17 -1.99 -5.47
N SER B 21 3.19 -2.51 -6.16
CA SER B 21 3.38 -3.96 -6.26
C SER B 21 3.76 -4.60 -4.92
N GLU B 22 4.39 -3.83 -4.03
CA GLU B 22 4.77 -4.37 -2.73
C GLU B 22 3.55 -4.90 -1.96
N LEU B 23 2.42 -4.22 -2.14
CA LEU B 23 1.16 -4.60 -1.50
C LEU B 23 0.22 -5.30 -2.50
N GLN B 24 0.82 -5.80 -3.57
CA GLN B 24 0.11 -6.52 -4.61
C GLN B 24 -0.98 -5.74 -5.35
N GLY B 25 -0.74 -4.45 -5.52
CA GLY B 25 -1.65 -3.58 -6.25
C GLY B 25 -0.92 -3.10 -7.49
N THR B 26 -1.48 -2.12 -8.17
CA THR B 26 -0.85 -1.57 -9.36
C THR B 26 -1.04 -0.05 -9.33
N VAL B 27 -0.33 0.67 -10.17
CA VAL B 27 -0.47 2.12 -10.20
C VAL B 27 -1.84 2.36 -10.83
N ALA B 28 -2.64 3.18 -10.18
CA ALA B 28 -4.01 3.48 -10.63
C ALA B 28 -4.19 3.83 -12.11
N THR B 29 -5.12 3.15 -12.76
CA THR B 29 -5.44 3.38 -14.16
C THR B 29 -6.96 3.56 -14.25
N PRO B 30 -7.43 4.82 -14.33
CA PRO B 30 -8.87 5.09 -14.41
C PRO B 30 -9.42 4.58 -15.74
N ARG B 31 -10.51 3.81 -15.69
CA ARG B 31 -11.13 3.25 -16.89
C ARG B 31 -12.36 4.03 -17.33
N ASN B 32 -12.75 5.01 -16.52
CA ASN B 32 -13.90 5.87 -16.80
C ASN B 32 -13.86 7.10 -15.88
N ALA B 33 -14.80 8.02 -16.07
CA ALA B 33 -14.88 9.25 -15.27
C ALA B 33 -15.09 9.04 -13.78
N GLU B 34 -15.85 8.00 -13.41
CA GLU B 34 -16.12 7.73 -12.01
C GLU B 34 -14.81 7.40 -11.31
N GLU B 35 -14.02 6.52 -11.92
CA GLU B 35 -12.74 6.13 -11.37
C GLU B 35 -11.78 7.32 -11.37
N ASN B 36 -11.83 8.13 -12.41
CA ASN B 36 -10.96 9.31 -12.51
C ASN B 36 -11.23 10.25 -11.32
N ARG B 37 -12.51 10.42 -11.00
CA ARG B 37 -12.91 11.26 -9.87
C ARG B 37 -12.55 10.59 -8.53
N ALA B 38 -12.62 9.25 -8.46
CA ALA B 38 -12.28 8.54 -7.24
C ALA B 38 -10.79 8.72 -6.94
N ILE B 39 -9.97 8.74 -8.01
CA ILE B 39 -8.54 8.94 -7.88
C ILE B 39 -8.30 10.39 -7.44
N GLN B 40 -9.09 11.31 -7.99
CA GLN B 40 -9.00 12.74 -7.63
C GLN B 40 -9.26 12.91 -6.14
N ASN B 41 -10.24 12.19 -5.62
CA ASN B 41 -10.58 12.29 -4.20
C ASN B 41 -9.43 11.95 -3.26
N VAL B 42 -8.55 11.04 -3.67
CA VAL B 42 -7.43 10.64 -2.83
C VAL B 42 -6.11 11.38 -3.09
N ALA B 43 -5.91 11.84 -4.32
CA ALA B 43 -4.69 12.57 -4.68
C ALA B 43 -4.74 14.06 -4.28
N LYS B 44 -3.98 14.43 -3.26
CA LYS B 44 -3.94 15.82 -2.81
C LYS B 44 -3.06 16.71 -3.70
N ASP B 45 -2.31 16.09 -4.61
CA ASP B 45 -1.44 16.84 -5.50
C ASP B 45 -1.26 15.98 -6.75
N VAL B 46 -0.58 16.53 -7.76
CA VAL B 46 -0.31 15.82 -9.02
C VAL B 46 0.20 14.41 -8.71
N ALA B 47 -0.38 13.42 -9.36
CA ALA B 47 -0.02 12.03 -9.10
C ALA B 47 0.06 11.13 -10.34
N PHE B 48 0.97 10.16 -10.29
CA PHE B 48 1.18 9.21 -11.40
C PHE B 48 -0.02 8.27 -11.57
N LEU B 49 -0.31 7.95 -12.82
CA LEU B 49 -1.35 7.00 -13.21
C LEU B 49 -0.56 5.88 -13.91
N GLY B 50 -1.10 4.66 -13.95
CA GLY B 50 -0.40 3.55 -14.59
C GLY B 50 -0.61 3.49 -16.08
N ILE B 51 -0.10 4.49 -16.79
CA ILE B 51 -0.27 4.57 -18.24
C ILE B 51 1.02 5.15 -18.84
N THR B 52 1.46 4.61 -19.97
CA THR B 52 2.65 5.12 -20.64
C THR B 52 2.57 4.87 -22.14
N ASP B 53 3.37 5.63 -22.90
CA ASP B 53 3.46 5.41 -24.35
C ASP B 53 4.91 5.07 -24.61
N GLN B 54 5.48 4.32 -23.66
CA GLN B 54 6.85 3.90 -23.72
C GLN B 54 7.11 2.95 -24.90
N ARG B 55 6.17 2.04 -25.18
CA ARG B 55 6.34 1.10 -26.29
C ARG B 55 6.37 1.80 -27.64
N THR B 56 5.31 2.53 -27.94
CA THR B 56 5.21 3.25 -29.21
C THR B 56 4.70 4.63 -28.87
N GLU B 57 5.44 5.66 -29.29
CA GLU B 57 5.05 7.03 -29.04
C GLU B 57 3.61 7.32 -29.48
N ASN B 58 2.87 7.96 -28.58
CA ASN B 58 1.47 8.36 -28.78
C ASN B 58 0.46 7.19 -28.77
N VAL B 59 0.92 6.04 -28.34
CA VAL B 59 0.04 4.87 -28.14
C VAL B 59 0.08 4.57 -26.65
N PHE B 60 -0.95 4.96 -25.92
CA PHE B 60 -0.93 4.82 -24.45
C PHE B 60 -1.53 3.49 -23.99
N GLU B 61 -0.75 2.86 -23.13
CA GLU B 61 -1.06 1.55 -22.56
C GLU B 61 -0.97 1.58 -21.07
N ASP B 62 -1.71 0.68 -20.42
CA ASP B 62 -1.60 0.56 -18.98
C ASP B 62 -0.28 -0.18 -18.71
N LEU B 63 0.07 -0.37 -17.45
CA LEU B 63 1.35 -1.01 -17.15
C LEU B 63 1.48 -2.47 -17.56
N THR B 64 0.36 -3.10 -17.93
CA THR B 64 0.40 -4.49 -18.41
C THR B 64 0.40 -4.55 -19.95
N GLY B 65 0.71 -3.42 -20.59
CA GLY B 65 0.78 -3.37 -22.04
C GLY B 65 -0.58 -3.44 -22.73
N ASN B 66 -1.62 -3.08 -21.99
CA ASN B 66 -2.95 -3.12 -22.55
C ASN B 66 -3.35 -1.70 -22.94
N ARG B 67 -3.60 -1.49 -24.22
CA ARG B 67 -3.97 -0.17 -24.73
C ARG B 67 -5.21 0.39 -24.01
N VAL B 68 -5.11 1.64 -23.55
CA VAL B 68 -6.24 2.25 -22.84
C VAL B 68 -7.30 2.80 -23.79
N ARG B 69 -8.52 2.88 -23.29
CA ARG B 69 -9.64 3.44 -24.06
C ARG B 69 -9.96 4.84 -23.53
N TYR B 70 -10.46 4.92 -22.29
CA TYR B 70 -10.78 6.21 -21.68
C TYR B 70 -9.51 7.05 -21.43
N THR B 71 -9.58 8.32 -21.77
CA THR B 71 -8.49 9.28 -21.55
C THR B 71 -9.15 10.59 -21.11
N ASN B 72 -8.42 11.40 -20.34
CA ASN B 72 -8.96 12.68 -19.85
C ASN B 72 -7.83 13.71 -19.92
N TRP B 73 -7.22 13.83 -21.09
CA TRP B 73 -6.10 14.73 -21.31
C TRP B 73 -6.42 16.20 -21.13
N ASN B 74 -5.48 16.91 -20.51
CA ASN B 74 -5.61 18.35 -20.32
C ASN B 74 -5.49 18.91 -21.74
N GLU B 75 -6.12 20.06 -21.99
CA GLU B 75 -6.06 20.67 -23.31
C GLU B 75 -4.60 20.92 -23.66
N GLY B 76 -4.20 20.49 -24.85
CA GLY B 76 -2.83 20.66 -25.29
C GLY B 76 -1.99 19.43 -25.03
N GLU B 77 -2.54 18.46 -24.30
CA GLU B 77 -1.83 17.22 -23.96
C GLU B 77 -2.47 16.07 -24.73
N PRO B 78 -1.70 15.00 -25.01
CA PRO B 78 -0.28 14.81 -24.67
C PRO B 78 0.62 15.52 -25.68
N ASN B 79 1.63 16.24 -25.20
CA ASN B 79 2.51 16.98 -26.10
C ASN B 79 3.96 16.51 -26.22
N ASN B 80 4.32 15.47 -25.47
CA ASN B 80 5.66 14.89 -25.51
C ASN B 80 6.80 15.93 -25.55
N VAL B 81 6.80 16.89 -24.63
CA VAL B 81 7.82 17.95 -24.63
C VAL B 81 9.26 17.47 -24.44
N GLY B 82 10.17 18.22 -25.05
CA GLY B 82 11.59 17.97 -24.97
C GLY B 82 12.07 16.59 -25.37
N SER B 83 12.95 16.04 -24.53
CA SER B 83 13.51 14.72 -24.78
C SER B 83 12.46 13.62 -24.70
N GLY B 84 11.25 13.98 -24.28
CA GLY B 84 10.19 13.01 -24.21
C GLY B 84 9.47 12.89 -22.88
N GLU B 85 8.16 12.74 -22.98
CA GLU B 85 7.29 12.58 -21.82
C GLU B 85 6.48 11.35 -22.15
N ASN B 86 6.81 10.25 -21.49
CA ASN B 86 6.17 8.97 -21.76
C ASN B 86 5.34 8.38 -20.60
N CYS B 87 5.19 9.16 -19.54
CA CYS B 87 4.41 8.73 -18.39
C CYS B 87 3.26 9.71 -18.26
N VAL B 88 2.31 9.40 -17.39
CA VAL B 88 1.13 10.22 -17.23
C VAL B 88 0.80 10.52 -15.77
N VAL B 89 0.38 11.76 -15.50
CA VAL B 89 -0.03 12.17 -14.16
C VAL B 89 -1.43 12.77 -14.22
N LEU B 90 -2.12 12.70 -13.10
CA LEU B 90 -3.44 13.29 -12.96
C LEU B 90 -3.17 14.63 -12.29
N LEU B 91 -3.50 15.71 -12.99
CA LEU B 91 -3.35 17.07 -12.48
C LEU B 91 -4.38 17.28 -11.35
N THR B 92 -4.27 18.38 -10.61
CA THR B 92 -5.19 18.64 -9.52
C THR B 92 -6.64 18.97 -9.92
N ASN B 93 -6.87 19.12 -11.22
CA ASN B 93 -8.21 19.37 -11.74
C ASN B 93 -8.77 18.10 -12.40
N GLY B 94 -8.07 16.98 -12.21
CA GLY B 94 -8.52 15.71 -12.78
C GLY B 94 -8.08 15.41 -14.20
N LYS B 95 -7.62 16.44 -14.93
CA LYS B 95 -7.17 16.25 -16.31
C LYS B 95 -5.77 15.61 -16.29
N TRP B 96 -5.37 15.01 -17.40
CA TRP B 96 -4.07 14.35 -17.47
C TRP B 96 -2.99 15.13 -18.20
N ASN B 97 -1.74 14.88 -17.83
CA ASN B 97 -0.61 15.50 -18.53
C ASN B 97 0.47 14.42 -18.70
N ASP B 98 1.11 14.38 -19.87
CA ASP B 98 2.18 13.42 -20.05
C ASP B 98 3.45 14.07 -19.49
N VAL B 99 4.25 13.30 -18.76
CA VAL B 99 5.45 13.82 -18.12
C VAL B 99 6.60 12.83 -18.24
N PRO B 100 7.83 13.26 -17.91
CA PRO B 100 8.97 12.35 -17.99
C PRO B 100 8.80 11.29 -16.90
N CYS B 101 9.02 10.03 -17.25
CA CYS B 101 8.90 8.94 -16.31
C CYS B 101 9.91 9.06 -15.18
N SER B 102 11.01 9.76 -15.44
CA SER B 102 12.02 9.95 -14.41
C SER B 102 11.68 11.07 -13.41
N ASP B 103 10.64 11.88 -13.67
CA ASP B 103 10.28 12.94 -12.74
C ASP B 103 9.49 12.36 -11.56
N SER B 104 9.53 13.03 -10.42
CA SER B 104 8.84 12.52 -9.23
C SER B 104 7.48 13.13 -8.97
N PHE B 105 6.53 12.28 -8.60
CA PHE B 105 5.17 12.73 -8.28
C PHE B 105 4.61 11.76 -7.26
N LEU B 106 3.50 12.15 -6.64
CA LEU B 106 2.82 11.26 -5.72
C LEU B 106 2.34 10.10 -6.60
N VAL B 107 1.96 9.00 -5.97
CA VAL B 107 1.46 7.87 -6.71
C VAL B 107 0.16 7.41 -6.06
N VAL B 108 -0.80 7.04 -6.91
CA VAL B 108 -2.05 6.50 -6.41
C VAL B 108 -2.02 5.03 -6.82
N CYS B 109 -2.17 4.15 -5.84
CA CYS B 109 -2.19 2.72 -6.07
C CYS B 109 -3.65 2.25 -6.14
N GLU B 110 -3.85 1.18 -6.89
CA GLU B 110 -5.16 0.60 -7.13
C GLU B 110 -5.16 -0.87 -6.68
N PHE B 111 -6.20 -1.27 -5.98
CA PHE B 111 -6.34 -2.63 -5.49
C PHE B 111 -7.78 -3.05 -5.71
N SER B 112 -8.03 -4.35 -5.76
CA SER B 112 -9.39 -4.85 -5.94
C SER B 112 -9.52 -6.26 -5.38
C1 NDG C . 10.19 -19.58 19.19
C2 NDG C . 9.73 -18.12 18.98
C3 NDG C . 9.04 -17.60 20.26
C4 NDG C . 7.92 -18.55 20.63
C5 NDG C . 8.44 -19.99 20.79
C6 NDG C . 7.30 -20.96 21.05
C7 NDG C . 10.93 -16.54 17.58
C8 NDG C . 12.19 -15.70 17.47
O5 NDG C . 9.11 -20.41 19.59
O3 NDG C . 8.50 -16.31 20.03
O4 NDG C . 7.32 -18.11 21.84
O6 NDG C . 7.75 -22.31 21.06
O7 NDG C . 10.06 -16.57 16.71
N2 NDG C . 10.86 -17.26 18.68
O1 NDG C . 11.25 -19.60 20.12
CA CA D . 7.24 -8.08 25.47
CA CA E . 6.85 -15.61 21.82
CL CL F . 11.37 -6.67 20.58
C1 NDG G . 5.15 21.81 -18.45
C2 NDG G . 5.01 20.28 -18.30
C3 NDG G . 4.56 19.64 -19.60
C4 NDG G . 3.26 20.30 -20.05
C5 NDG G . 3.54 21.81 -20.23
C6 NDG G . 2.38 22.64 -20.77
C7 NDG G . 6.40 19.04 -16.73
C8 NDG G . 7.79 18.49 -16.47
O5 NDG G . 3.94 22.37 -18.97
O3 NDG G . 4.37 18.24 -19.42
O4 NDG G . 2.83 19.73 -21.26
O6 NDG G . 1.34 22.76 -19.81
O7 NDG G . 5.47 18.92 -15.94
N2 NDG G . 6.27 19.69 -17.88
O1 NDG G . 6.25 22.09 -19.26
CA CA H . 5.48 10.18 -25.20
CA CA I . 3.06 17.21 -21.37
#